data_6K1Q
#
_entry.id   6K1Q
#
_cell.length_a   109.910
_cell.length_b   109.910
_cell.length_c   291.590
_cell.angle_alpha   90.000
_cell.angle_beta   90.000
_cell.angle_gamma   90.000
#
_symmetry.space_group_name_H-M   'I 4 2 2'
#
loop_
_entity.id
_entity.type
_entity.pdbx_description
1 polymer 'Endothelin B receptor,Endolysin,Endothelin B receptor'
2 non-polymer '(2~{S})-2-[[(2~{R})-2-[(3,5-dimethylphenyl)carbonyl-methyl-amino]-3-(4-phenylphenyl)propanoyl]amino]-3-(1~{H}-indol-3-yl)propanoic acid'
3 non-polymer 'PHOSPHATE ION'
4 non-polymer '(2R)-2,3-dihydroxypropyl (9Z)-octadec-9-enoate'
5 water water
#
_entity_poly.entity_id   1
_entity_poly.type   'polypeptide(L)'
_entity_poly.pdbx_seq_one_letter_code
;GGGLAPAEVPKGDRTAGSPPRTISPPPCQGPIEIKETFKYINTVVSCLVFVLGIIGNSTLLYIIYKNKCMRNGPNILIAS
LALGDLLHIVIDIPINVYKLLAEDWPFGAEMCKLVPFIQKASVGITVLSLCALSIDRYRAVASWSRIKGIGVPKWTAVEI
VLIWVVSVVLAVPEAIGFDIITMDYKGSYLRICLLHPVQKTAFMQFYATAKDWWLFSFYFCLPLAITAFFYTLMTCEMLR
KNIFEMLRIDEGGGSGGDEAEKLFNQDVDAAVRGILRNAKLKPVYDSLDAVRRAALINMVFQMGETGVAGFTNSLRMLQQ
KRWDEAAVNLAKSRWYNQTPNRAKRVITTFRTGTWDAYLNDHLKQRREVAKTVFCLVLVFALCWLPLHLARILKLTLYNQ
NDPNRCELLSFLLVLDYIGINMASLNSCANPIALYLVSKRFKNAFKSALCCWAQSPSSENLYFQ
;
_entity_poly.pdbx_strand_id   A
#
# COMPACT_ATOMS: atom_id res chain seq x y z
N GLN A 29 19.22 18.99 -28.29
CA GLN A 29 19.85 18.04 -27.37
C GLN A 29 18.78 17.35 -26.52
N GLY A 30 19.09 16.15 -26.04
CA GLY A 30 18.20 15.39 -25.20
C GLY A 30 17.59 16.18 -24.05
N PRO A 31 18.43 16.80 -23.21
CA PRO A 31 17.88 17.54 -22.06
C PRO A 31 16.87 18.60 -22.43
N ILE A 32 17.15 19.41 -23.46
CA ILE A 32 16.21 20.47 -23.81
C ILE A 32 14.99 19.92 -24.53
N GLU A 33 15.15 18.84 -25.31
CA GLU A 33 14.00 18.21 -25.95
C GLU A 33 13.11 17.53 -24.93
N ILE A 34 13.69 16.86 -23.94
CA ILE A 34 12.92 16.13 -22.94
C ILE A 34 12.12 17.08 -22.07
N LYS A 35 12.78 18.14 -21.58
CA LYS A 35 12.10 19.07 -20.67
C LYS A 35 10.96 19.79 -21.38
N GLU A 36 11.09 20.06 -22.69
CA GLU A 36 10.00 20.68 -23.43
C GLU A 36 8.82 19.73 -23.58
N THR A 37 9.09 18.46 -23.89
CA THR A 37 8.03 17.47 -23.98
C THR A 37 7.25 17.38 -22.67
N PHE A 38 7.97 17.20 -21.56
CA PHE A 38 7.32 17.04 -20.27
C PHE A 38 6.72 18.33 -19.74
N LYS A 39 7.00 19.47 -20.36
CA LYS A 39 6.24 20.67 -20.06
C LYS A 39 4.76 20.45 -20.36
N TYR A 40 4.47 19.87 -21.53
CA TYR A 40 3.10 19.56 -21.91
C TYR A 40 2.53 18.41 -21.08
N ILE A 41 3.29 17.32 -20.97
CA ILE A 41 2.80 16.13 -20.26
C ILE A 41 2.50 16.46 -18.79
N ASN A 42 3.45 17.10 -18.11
CA ASN A 42 3.24 17.38 -16.68
C ASN A 42 2.12 18.38 -16.46
N THR A 43 1.90 19.31 -17.39
CA THR A 43 0.82 20.27 -17.21
C THR A 43 -0.54 19.58 -17.28
N VAL A 44 -0.69 18.63 -18.20
CA VAL A 44 -1.94 17.90 -18.33
C VAL A 44 -2.12 16.95 -17.14
N VAL A 45 -1.07 16.20 -16.80
CA VAL A 45 -1.15 15.31 -15.65
C VAL A 45 -1.50 16.09 -14.38
N SER A 46 -0.82 17.23 -14.16
CA SER A 46 -1.06 18.01 -12.96
C SER A 46 -2.45 18.65 -12.95
N CYS A 47 -2.96 19.02 -14.14
CA CYS A 47 -4.33 19.49 -14.21
C CYS A 47 -5.31 18.35 -13.95
N LEU A 48 -4.98 17.15 -14.43
CA LEU A 48 -5.82 15.99 -14.14
C LEU A 48 -5.82 15.68 -12.65
N VAL A 49 -4.63 15.64 -12.04
CA VAL A 49 -4.54 15.35 -10.61
C VAL A 49 -5.28 16.40 -9.79
N PHE A 50 -5.15 17.67 -10.19
CA PHE A 50 -5.85 18.73 -9.46
C PHE A 50 -7.36 18.53 -9.48
N VAL A 51 -7.93 18.22 -10.65
CA VAL A 51 -9.38 18.07 -10.74
C VAL A 51 -9.83 16.76 -10.10
N LEU A 52 -9.23 15.65 -10.52
CA LEU A 52 -9.56 14.35 -9.93
C LEU A 52 -9.34 14.38 -8.41
N GLY A 53 -8.20 14.92 -7.99
CA GLY A 53 -7.86 14.89 -6.58
C GLY A 53 -8.76 15.77 -5.74
N ILE A 54 -9.18 16.91 -6.28
CA ILE A 54 -10.09 17.78 -5.53
C ILE A 54 -11.46 17.12 -5.39
N ILE A 55 -11.98 16.59 -6.50
CA ILE A 55 -13.26 15.90 -6.44
C ILE A 55 -13.15 14.64 -5.58
N GLY A 56 -12.15 13.81 -5.86
CA GLY A 56 -12.07 12.51 -5.22
C GLY A 56 -11.87 12.60 -3.71
N ASN A 57 -10.93 13.44 -3.28
CA ASN A 57 -10.62 13.52 -1.85
C ASN A 57 -11.68 14.31 -1.09
N SER A 58 -12.35 15.26 -1.74
CA SER A 58 -13.46 15.94 -1.10
C SER A 58 -14.62 14.98 -0.88
N THR A 59 -14.96 14.19 -1.91
CA THR A 59 -16.00 13.18 -1.75
C THR A 59 -15.58 12.15 -0.71
N LEU A 60 -14.30 11.79 -0.68
CA LEU A 60 -13.81 10.84 0.32
C LEU A 60 -13.99 11.37 1.73
N LEU A 61 -13.72 12.65 1.95
CA LEU A 61 -13.96 13.22 3.28
C LEU A 61 -15.45 13.36 3.55
N TYR A 62 -16.27 13.52 2.51
CA TYR A 62 -17.70 13.69 2.70
C TYR A 62 -18.35 12.38 3.15
N ILE A 63 -18.02 11.27 2.48
CA ILE A 63 -18.68 10.01 2.79
C ILE A 63 -18.24 9.48 4.15
N ILE A 64 -17.05 9.84 4.61
CA ILE A 64 -16.64 9.43 5.94
C ILE A 64 -17.31 10.31 6.99
N TYR A 65 -17.60 11.57 6.66
CA TYR A 65 -18.28 12.45 7.60
C TYR A 65 -19.78 12.17 7.64
N LYS A 66 -20.42 12.01 6.48
CA LYS A 66 -21.87 11.89 6.46
C LYS A 66 -22.33 10.50 6.88
N ASN A 67 -21.63 9.47 6.45
CA ASN A 67 -22.03 8.09 6.73
C ASN A 67 -21.45 7.67 8.07
N LYS A 68 -22.33 7.59 9.08
CA LYS A 68 -21.91 7.22 10.42
C LYS A 68 -21.45 5.77 10.48
N CYS A 69 -21.93 4.92 9.58
CA CYS A 69 -21.42 3.55 9.51
C CYS A 69 -20.00 3.50 8.98
N MET A 70 -19.55 4.53 8.26
CA MET A 70 -18.21 4.56 7.69
C MET A 70 -17.16 5.02 8.68
N ARG A 71 -17.56 5.55 9.84
CA ARG A 71 -16.61 6.05 10.82
C ARG A 71 -16.01 4.88 11.59
N ASN A 72 -14.78 4.53 11.26
CA ASN A 72 -14.01 3.59 12.06
C ASN A 72 -12.53 3.97 11.95
N GLY A 73 -11.72 3.33 12.79
CA GLY A 73 -10.31 3.61 12.89
C GLY A 73 -9.61 3.77 11.56
N PRO A 74 -9.58 2.68 10.76
CA PRO A 74 -8.90 2.79 9.45
C PRO A 74 -9.48 3.85 8.54
N ASN A 75 -10.80 4.03 8.54
CA ASN A 75 -11.41 5.03 7.67
C ASN A 75 -11.04 6.44 8.10
N ILE A 76 -10.99 6.70 9.40
CA ILE A 76 -10.62 8.02 9.88
C ILE A 76 -9.17 8.32 9.51
N LEU A 77 -8.29 7.31 9.59
CA LEU A 77 -6.92 7.48 9.13
C LEU A 77 -6.87 7.77 7.64
N ILE A 78 -7.77 7.13 6.87
CA ILE A 78 -7.87 7.42 5.44
C ILE A 78 -8.37 8.85 5.21
N ALA A 79 -9.18 9.38 6.13
CA ALA A 79 -9.70 10.72 5.98
C ALA A 79 -8.59 11.76 6.12
N SER A 80 -7.81 11.68 7.22
CA SER A 80 -6.67 12.58 7.38
C SER A 80 -5.71 12.45 6.21
N LEU A 81 -5.47 11.23 5.74
CA LEU A 81 -4.66 11.04 4.55
C LEU A 81 -5.27 11.75 3.34
N ALA A 82 -6.60 11.72 3.21
CA ALA A 82 -7.23 12.44 2.12
C ALA A 82 -7.18 13.94 2.33
N LEU A 83 -7.23 14.40 3.58
CA LEU A 83 -7.09 15.83 3.85
C LEU A 83 -5.67 16.31 3.56
N GLY A 84 -4.67 15.48 3.91
CA GLY A 84 -3.29 15.84 3.60
C GLY A 84 -3.05 15.93 2.11
N ASP A 85 -3.58 14.97 1.35
CA ASP A 85 -3.42 15.05 -0.10
C ASP A 85 -4.18 16.23 -0.68
N LEU A 86 -5.30 16.60 -0.06
CA LEU A 86 -6.04 17.76 -0.54
C LEU A 86 -5.27 19.06 -0.30
N LEU A 87 -4.54 19.13 0.81
CA LEU A 87 -3.75 20.32 1.10
C LEU A 87 -2.63 20.50 0.08
N HIS A 88 -1.94 19.41 -0.27
CA HIS A 88 -0.92 19.51 -1.30
C HIS A 88 -1.51 19.90 -2.64
N ILE A 89 -2.71 19.39 -2.96
CA ILE A 89 -3.29 19.61 -4.28
C ILE A 89 -3.67 21.09 -4.47
N VAL A 90 -4.31 21.69 -3.48
CA VAL A 90 -4.81 23.05 -3.68
C VAL A 90 -3.69 24.08 -3.48
N ILE A 91 -2.68 23.76 -2.69
CA ILE A 91 -1.64 24.73 -2.37
C ILE A 91 -0.48 24.63 -3.35
N ASP A 92 -0.04 23.41 -3.67
CA ASP A 92 1.20 23.21 -4.39
C ASP A 92 1.02 23.04 -5.89
N ILE A 93 -0.04 22.37 -6.33
CA ILE A 93 -0.17 21.95 -7.72
C ILE A 93 -0.25 23.15 -8.67
N PRO A 94 -1.14 24.13 -8.45
CA PRO A 94 -1.18 25.25 -9.41
C PRO A 94 0.16 25.96 -9.55
N ILE A 95 0.88 26.14 -8.44
CA ILE A 95 2.19 26.78 -8.49
C ILE A 95 3.20 25.89 -9.20
N ASN A 96 3.21 24.59 -8.85
CA ASN A 96 4.14 23.67 -9.48
C ASN A 96 3.91 23.58 -11.00
N VAL A 97 2.68 23.79 -11.44
CA VAL A 97 2.41 23.85 -12.87
C VAL A 97 3.11 25.06 -13.49
N TYR A 98 2.95 26.23 -12.87
CA TYR A 98 3.59 27.43 -13.39
C TYR A 98 5.11 27.34 -13.28
N LYS A 99 5.60 26.87 -12.12
CA LYS A 99 7.04 26.74 -11.90
C LYS A 99 7.70 25.96 -13.03
N LEU A 100 7.07 24.86 -13.46
CA LEU A 100 7.65 24.05 -14.53
C LEU A 100 7.69 24.80 -15.85
N LEU A 101 6.77 25.74 -16.05
CA LEU A 101 6.62 26.36 -17.35
C LEU A 101 7.39 27.66 -17.49
N ALA A 102 7.77 28.29 -16.38
CA ALA A 102 8.46 29.57 -16.38
C ALA A 102 9.73 29.46 -15.54
N GLU A 103 10.81 30.08 -16.02
CA GLU A 103 12.07 30.02 -15.30
C GLU A 103 12.06 30.89 -14.05
N ASP A 104 11.20 31.90 -14.00
CA ASP A 104 11.16 32.83 -12.89
C ASP A 104 10.14 32.40 -11.85
N TRP A 105 10.46 32.71 -10.59
CA TRP A 105 9.55 32.46 -9.49
C TRP A 105 8.88 33.76 -9.08
N PRO A 106 7.61 33.96 -9.39
CA PRO A 106 6.92 35.22 -9.04
C PRO A 106 6.12 35.17 -7.73
N PHE A 107 6.05 34.04 -7.05
CA PHE A 107 5.14 33.87 -5.93
C PHE A 107 5.72 34.35 -4.60
N GLY A 108 6.97 34.80 -4.57
CA GLY A 108 7.54 35.39 -3.38
C GLY A 108 8.25 34.38 -2.49
N ALA A 109 8.92 34.92 -1.47
CA ALA A 109 9.67 34.07 -0.54
C ALA A 109 8.74 33.20 0.29
N GLU A 110 7.57 33.73 0.65
CA GLU A 110 6.66 32.98 1.50
C GLU A 110 6.18 31.71 0.81
N MET A 111 5.67 31.84 -0.41
CA MET A 111 5.11 30.68 -1.09
C MET A 111 6.15 29.58 -1.31
N CYS A 112 7.41 29.95 -1.46
CA CYS A 112 8.42 28.92 -1.68
C CYS A 112 9.02 28.34 -0.41
N LYS A 113 8.82 28.99 0.73
CA LYS A 113 9.00 28.24 1.97
C LYS A 113 7.80 27.33 2.23
N LEU A 114 6.62 27.74 1.76
CA LEU A 114 5.40 27.00 2.04
C LEU A 114 5.28 25.76 1.16
N VAL A 115 5.46 25.91 -0.15
CA VAL A 115 5.22 24.78 -1.07
C VAL A 115 6.05 23.55 -0.71
N PRO A 116 7.38 23.64 -0.54
CA PRO A 116 8.13 22.43 -0.15
C PRO A 116 7.75 21.90 1.22
N PHE A 117 7.40 22.79 2.16
CA PHE A 117 6.93 22.36 3.46
C PHE A 117 5.64 21.55 3.33
N ILE A 118 4.66 22.08 2.59
CA ILE A 118 3.41 21.34 2.38
C ILE A 118 3.68 20.03 1.66
N GLN A 119 4.62 20.04 0.71
CA GLN A 119 4.88 18.82 -0.07
C GLN A 119 5.41 17.71 0.82
N LYS A 120 6.36 18.04 1.71
CA LYS A 120 6.92 17.03 2.60
C LYS A 120 6.00 16.73 3.77
N ALA A 121 5.23 17.71 4.24
CA ALA A 121 4.26 17.44 5.29
C ALA A 121 3.16 16.50 4.80
N SER A 122 2.65 16.74 3.60
CA SER A 122 1.57 15.90 3.08
C SER A 122 2.04 14.48 2.84
N VAL A 123 3.16 14.31 2.13
CA VAL A 123 3.69 12.97 1.88
C VAL A 123 4.02 12.28 3.20
N GLY A 124 4.51 13.04 4.18
CA GLY A 124 4.78 12.45 5.48
C GLY A 124 3.52 11.97 6.18
N ILE A 125 2.43 12.72 6.03
CA ILE A 125 1.15 12.28 6.58
C ILE A 125 0.73 10.96 5.94
N THR A 126 0.83 10.87 4.61
CA THR A 126 0.54 9.62 3.92
C THR A 126 1.45 8.49 4.41
N VAL A 127 2.75 8.78 4.51
CA VAL A 127 3.73 7.77 4.91
C VAL A 127 3.38 7.21 6.29
N LEU A 128 3.10 8.10 7.25
CA LEU A 128 2.83 7.65 8.61
C LEU A 128 1.43 7.03 8.73
N SER A 129 0.45 7.58 8.02
CA SER A 129 -0.88 6.98 8.03
C SER A 129 -0.83 5.56 7.47
N LEU A 130 -0.14 5.37 6.35
CA LEU A 130 0.00 4.02 5.79
C LEU A 130 0.68 3.08 6.78
N CYS A 131 1.66 3.58 7.54
CA CYS A 131 2.28 2.76 8.57
C CYS A 131 1.29 2.47 9.69
N ALA A 132 0.48 3.47 10.08
CA ALA A 132 -0.50 3.25 11.14
C ALA A 132 -1.60 2.32 10.67
N LEU A 133 -1.97 2.42 9.40
CA LEU A 133 -2.97 1.51 8.83
C LEU A 133 -2.51 0.06 8.91
N SER A 134 -1.25 -0.21 8.53
CA SER A 134 -0.76 -1.57 8.51
C SER A 134 -0.53 -2.12 9.92
N ILE A 135 -0.17 -1.26 10.86
CA ILE A 135 0.00 -1.72 12.24
C ILE A 135 -1.36 -2.02 12.85
N ASP A 136 -2.37 -1.20 12.54
CA ASP A 136 -3.72 -1.44 13.05
C ASP A 136 -4.31 -2.73 12.50
N ARG A 137 -3.98 -3.08 11.25
CA ARG A 137 -4.46 -4.34 10.71
C ARG A 137 -3.82 -5.52 11.43
N TYR A 138 -2.55 -5.39 11.81
CA TYR A 138 -1.92 -6.47 12.57
C TYR A 138 -2.52 -6.56 13.97
N ARG A 139 -2.68 -5.43 14.65
CA ARG A 139 -3.26 -5.46 16.00
C ARG A 139 -4.69 -5.98 15.98
N ALA A 140 -5.41 -5.80 14.87
CA ALA A 140 -6.78 -6.28 14.78
C ALA A 140 -6.85 -7.78 14.91
N VAL A 141 -5.95 -8.50 14.22
CA VAL A 141 -5.91 -9.94 14.29
C VAL A 141 -4.92 -10.45 15.34
N ALA A 142 -4.22 -9.56 16.03
CA ALA A 142 -3.17 -9.98 16.95
C ALA A 142 -3.74 -10.85 18.07
N SER A 143 -2.97 -11.88 18.44
CA SER A 143 -3.37 -12.79 19.51
C SER A 143 -3.40 -12.13 20.88
N TRP A 144 -2.68 -11.03 21.05
CA TRP A 144 -2.59 -10.39 22.37
C TRP A 144 -3.93 -9.77 22.76
N SER A 145 -4.67 -9.23 21.80
CA SER A 145 -6.03 -8.75 22.03
C SER A 145 -6.75 -8.54 20.70
N VAL A 152 -8.48 1.81 22.75
CA VAL A 152 -8.22 1.63 21.32
C VAL A 152 -9.00 2.61 20.42
N PRO A 153 -10.24 3.01 20.77
CA PRO A 153 -10.84 4.14 20.04
C PRO A 153 -10.10 5.44 20.29
N LYS A 154 -9.57 5.65 21.49
CA LYS A 154 -8.66 6.76 21.74
C LYS A 154 -7.33 6.58 21.02
N TRP A 155 -6.99 5.35 20.65
CA TRP A 155 -5.69 5.09 20.02
C TRP A 155 -5.62 5.72 18.63
N THR A 156 -6.73 5.69 17.88
CA THR A 156 -6.72 6.31 16.56
C THR A 156 -6.63 7.82 16.67
N ALA A 157 -7.08 8.40 17.78
CA ALA A 157 -6.94 9.85 17.97
C ALA A 157 -5.51 10.22 18.30
N VAL A 158 -4.81 9.38 19.07
CA VAL A 158 -3.39 9.59 19.31
C VAL A 158 -2.61 9.44 18.02
N GLU A 159 -2.95 8.43 17.22
CA GLU A 159 -2.28 8.25 15.93
C GLU A 159 -2.41 9.50 15.07
N ILE A 160 -3.64 10.02 14.92
CA ILE A 160 -3.87 11.17 14.06
C ILE A 160 -3.00 12.35 14.48
N VAL A 161 -2.94 12.61 15.80
CA VAL A 161 -2.12 13.70 16.29
C VAL A 161 -0.65 13.44 15.97
N LEU A 162 -0.17 12.22 16.27
CA LEU A 162 1.23 11.91 16.02
C LEU A 162 1.58 12.02 14.54
N ILE A 163 0.68 11.55 13.65
CA ILE A 163 0.96 11.59 12.22
C ILE A 163 1.15 13.03 11.76
N TRP A 164 0.24 13.92 12.13
CA TRP A 164 0.31 15.30 11.65
C TRP A 164 1.44 16.07 12.33
N VAL A 165 1.60 15.91 13.64
CA VAL A 165 2.68 16.59 14.35
C VAL A 165 4.03 16.17 13.80
N VAL A 166 4.26 14.86 13.67
CA VAL A 166 5.56 14.38 13.24
C VAL A 166 5.81 14.74 11.78
N SER A 167 4.79 14.63 10.93
CA SER A 167 4.97 14.99 9.52
C SER A 167 5.30 16.46 9.36
N VAL A 168 4.65 17.31 10.15
CA VAL A 168 4.89 18.75 10.05
C VAL A 168 6.28 19.10 10.58
N VAL A 169 6.67 18.50 11.71
CA VAL A 169 7.99 18.76 12.28
C VAL A 169 9.09 18.39 11.29
N LEU A 170 8.98 17.19 10.69
CA LEU A 170 9.99 16.73 9.74
C LEU A 170 10.00 17.53 8.44
N ALA A 171 8.93 18.29 8.16
CA ALA A 171 8.88 19.13 6.97
C ALA A 171 9.38 20.55 7.23
N VAL A 172 9.61 20.91 8.50
CA VAL A 172 10.03 22.29 8.80
C VAL A 172 11.34 22.66 8.13
N PRO A 173 12.39 21.82 8.12
CA PRO A 173 13.63 22.23 7.41
C PRO A 173 13.43 22.66 5.98
N GLU A 174 12.37 22.19 5.31
CA GLU A 174 12.05 22.70 3.98
C GLU A 174 11.75 24.20 4.03
N ALA A 175 10.90 24.62 4.96
CA ALA A 175 10.59 26.03 5.11
C ALA A 175 11.80 26.83 5.58
N ILE A 176 12.81 26.18 6.15
CA ILE A 176 13.98 26.90 6.63
C ILE A 176 14.98 27.13 5.50
N GLY A 177 15.33 26.07 4.78
CA GLY A 177 16.41 26.16 3.81
C GLY A 177 16.01 26.89 2.53
N PHE A 178 14.76 26.74 2.10
CA PHE A 178 14.36 27.28 0.82
C PHE A 178 14.21 28.79 0.90
N ASP A 179 14.82 29.51 -0.04
CA ASP A 179 14.60 30.93 -0.15
C ASP A 179 14.81 31.34 -1.60
N ILE A 180 14.43 32.58 -1.90
CA ILE A 180 14.59 33.11 -3.25
C ILE A 180 16.01 33.58 -3.44
N ILE A 181 16.59 33.27 -4.61
CA ILE A 181 17.82 33.88 -5.05
C ILE A 181 17.49 34.75 -6.27
N THR A 182 17.83 36.04 -6.17
CA THR A 182 17.60 36.99 -7.25
C THR A 182 18.93 37.26 -7.96
N MET A 183 18.93 37.08 -9.27
CA MET A 183 20.09 37.34 -10.11
C MET A 183 19.75 38.49 -11.05
N ASP A 184 20.71 39.40 -11.24
CA ASP A 184 20.55 40.51 -12.17
C ASP A 184 21.84 40.68 -12.94
N TYR A 185 21.76 40.53 -14.26
CA TYR A 185 22.94 40.74 -15.09
C TYR A 185 22.49 41.25 -16.45
N LYS A 186 22.94 42.45 -16.81
CA LYS A 186 22.73 43.04 -18.13
C LYS A 186 21.25 43.22 -18.46
N GLY A 187 20.54 43.90 -17.56
CA GLY A 187 19.15 44.22 -17.79
C GLY A 187 18.18 43.07 -17.70
N SER A 188 18.60 41.93 -17.16
CA SER A 188 17.75 40.76 -17.00
C SER A 188 17.85 40.27 -15.56
N TYR A 189 16.70 40.17 -14.90
CA TYR A 189 16.67 39.58 -13.57
C TYR A 189 15.90 38.26 -13.59
N LEU A 190 16.31 37.36 -12.69
CA LEU A 190 15.74 36.03 -12.57
C LEU A 190 15.57 35.71 -11.10
N ARG A 191 14.40 35.20 -10.72
CA ARG A 191 14.14 34.79 -9.35
C ARG A 191 13.98 33.27 -9.32
N ILE A 192 14.93 32.61 -8.67
CA ILE A 192 14.92 31.17 -8.47
C ILE A 192 14.72 30.93 -6.99
N CYS A 193 13.88 29.99 -6.67
CA CYS A 193 13.81 29.54 -5.29
C CYS A 193 14.48 28.19 -5.18
N LEU A 194 15.39 28.11 -4.23
CA LEU A 194 16.19 26.91 -4.04
C LEU A 194 16.60 26.79 -2.58
N LEU A 195 16.96 25.58 -2.21
CA LEU A 195 17.62 25.28 -0.95
C LEU A 195 19.09 25.08 -1.28
N HIS A 196 19.92 26.06 -0.94
CA HIS A 196 21.30 26.03 -1.38
C HIS A 196 22.06 24.88 -0.71
N PRO A 197 22.99 24.23 -1.42
CA PRO A 197 23.80 23.18 -0.77
C PRO A 197 24.60 23.69 0.41
N VAL A 198 24.92 24.98 0.45
CA VAL A 198 25.59 25.62 1.57
C VAL A 198 24.54 26.33 2.41
N GLN A 199 24.52 26.03 3.70
CA GLN A 199 23.50 26.55 4.61
C GLN A 199 24.14 27.24 5.80
N LYS A 200 23.36 28.10 6.45
CA LYS A 200 23.86 28.91 7.55
C LYS A 200 24.34 28.03 8.71
N THR A 201 23.44 27.24 9.29
CA THR A 201 23.72 26.51 10.52
C THR A 201 24.22 25.10 10.22
N ALA A 202 24.75 24.44 11.26
CA ALA A 202 25.29 23.10 11.11
C ALA A 202 24.18 22.10 10.76
N PHE A 203 23.05 22.19 11.46
CA PHE A 203 21.96 21.26 11.20
C PHE A 203 21.41 21.43 9.78
N MET A 204 21.17 22.68 9.37
CA MET A 204 20.65 22.93 8.04
C MET A 204 21.63 22.50 6.96
N GLN A 205 22.93 22.64 7.23
CA GLN A 205 23.93 22.10 6.32
C GLN A 205 23.83 20.59 6.23
N PHE A 206 23.71 19.92 7.38
CA PHE A 206 23.57 18.46 7.37
C PHE A 206 22.28 18.05 6.67
N TYR A 207 21.18 18.76 6.94
CA TYR A 207 19.92 18.47 6.26
C TYR A 207 20.06 18.60 4.75
N ALA A 208 20.60 19.72 4.27
CA ALA A 208 20.68 19.94 2.83
C ALA A 208 21.51 18.87 2.14
N THR A 209 22.57 18.42 2.82
CA THR A 209 23.41 17.35 2.27
C THR A 209 22.74 15.99 2.37
N ALA A 210 22.11 15.70 3.50
CA ALA A 210 21.53 14.37 3.66
C ALA A 210 20.13 14.26 3.06
N LYS A 211 19.60 15.33 2.46
CA LYS A 211 18.18 15.39 2.16
C LYS A 211 17.76 14.28 1.20
N ASP A 212 18.49 14.11 0.11
CA ASP A 212 18.11 13.13 -0.91
C ASP A 212 18.04 11.72 -0.34
N TRP A 213 19.07 11.30 0.40
CA TRP A 213 19.02 9.99 1.03
C TRP A 213 17.94 9.96 2.12
N TRP A 214 17.78 11.08 2.83
CA TRP A 214 16.73 11.15 3.85
C TRP A 214 15.35 10.96 3.22
N LEU A 215 15.08 11.63 2.09
CA LEU A 215 13.81 11.48 1.41
C LEU A 215 13.57 10.03 1.00
N PHE A 216 14.62 9.36 0.51
CA PHE A 216 14.49 7.97 0.08
C PHE A 216 14.23 7.05 1.27
N SER A 217 14.93 7.29 2.38
CA SER A 217 14.88 6.36 3.51
C SER A 217 13.54 6.47 4.26
N PHE A 218 13.21 7.67 4.75
CA PHE A 218 12.04 7.84 5.60
C PHE A 218 10.75 7.82 4.81
N TYR A 219 10.74 8.35 3.59
CA TYR A 219 9.49 8.52 2.83
C TYR A 219 9.27 7.43 1.81
N PHE A 220 10.14 6.43 1.73
CA PHE A 220 9.91 5.30 0.85
C PHE A 220 10.30 4.00 1.52
N CYS A 221 11.56 3.88 1.94
CA CYS A 221 12.03 2.64 2.56
C CYS A 221 11.33 2.38 3.89
N LEU A 222 11.15 3.41 4.71
CA LEU A 222 10.49 3.20 6.00
C LEU A 222 9.05 2.71 5.86
N PRO A 223 8.17 3.36 5.08
CA PRO A 223 6.80 2.83 4.97
C PRO A 223 6.73 1.48 4.30
N LEU A 224 7.48 1.28 3.21
CA LEU A 224 7.45 -0.01 2.52
C LEU A 224 7.91 -1.13 3.43
N ALA A 225 8.96 -0.90 4.20
CA ALA A 225 9.46 -1.95 5.10
C ALA A 225 8.44 -2.25 6.20
N ILE A 226 7.91 -1.20 6.83
CA ILE A 226 7.00 -1.41 7.96
C ILE A 226 5.68 -2.03 7.47
N THR A 227 5.13 -1.52 6.37
CA THR A 227 3.88 -2.07 5.87
C THR A 227 4.05 -3.52 5.41
N ALA A 228 5.20 -3.84 4.81
CA ALA A 228 5.45 -5.22 4.41
C ALA A 228 5.62 -6.11 5.63
N PHE A 229 6.37 -5.63 6.62
CA PHE A 229 6.62 -6.42 7.83
C PHE A 229 5.31 -6.77 8.54
N PHE A 230 4.45 -5.77 8.74
CA PHE A 230 3.16 -6.02 9.39
C PHE A 230 2.14 -6.64 8.47
N TYR A 231 2.29 -6.53 7.15
CA TYR A 231 1.46 -7.32 6.25
C TYR A 231 1.74 -8.80 6.45
N THR A 232 3.02 -9.19 6.36
CA THR A 232 3.37 -10.60 6.46
C THR A 232 2.98 -11.18 7.82
N LEU A 233 3.22 -10.43 8.91
CA LEU A 233 2.78 -10.89 10.22
C LEU A 233 1.27 -11.04 10.28
N MET A 234 0.55 -10.11 9.65
CA MET A 234 -0.91 -10.15 9.69
C MET A 234 -1.45 -11.37 8.97
N THR A 235 -0.97 -11.63 7.74
CA THR A 235 -1.50 -12.75 6.96
C THR A 235 -1.23 -14.08 7.65
N CYS A 236 -0.04 -14.23 8.25
CA CYS A 236 0.25 -15.42 9.05
C CYS A 236 -0.75 -15.57 10.19
N GLU A 237 -1.02 -14.47 10.89
CA GLU A 237 -1.96 -14.52 12.01
C GLU A 237 -3.38 -14.70 11.52
N MET A 238 -3.75 -14.04 10.41
CA MET A 238 -5.07 -14.28 9.84
C MET A 238 -5.21 -15.72 9.38
N LEU A 239 -4.11 -16.32 8.92
CA LEU A 239 -4.16 -17.70 8.45
C LEU A 239 -4.47 -18.65 9.59
N ARG A 240 -3.80 -18.49 10.73
CA ARG A 240 -4.08 -19.34 11.88
C ARG A 240 -5.49 -19.13 12.39
N LYS A 241 -5.97 -17.88 12.41
CA LYS A 241 -7.34 -17.62 12.86
C LYS A 241 -8.35 -18.32 11.94
N ASN A 242 -8.04 -18.36 10.64
CA ASN A 242 -8.96 -18.99 9.70
C ASN A 242 -8.98 -20.50 9.85
N ILE A 243 -7.80 -21.11 9.96
CA ILE A 243 -7.71 -22.56 10.17
C ILE A 243 -8.42 -22.94 11.47
N PHE A 244 -8.18 -22.15 12.53
CA PHE A 244 -8.86 -22.40 13.79
C PHE A 244 -10.37 -22.32 13.63
N GLU A 245 -10.86 -21.29 12.95
CA GLU A 245 -12.30 -21.16 12.72
C GLU A 245 -12.82 -22.32 11.88
N MET A 246 -12.06 -22.73 10.88
CA MET A 246 -12.47 -23.87 10.05
C MET A 246 -12.62 -25.14 10.87
N LEU A 247 -11.62 -25.45 11.69
CA LEU A 247 -11.70 -26.63 12.55
C LEU A 247 -12.79 -26.50 13.60
N ARG A 248 -13.05 -25.28 14.08
CA ARG A 248 -14.11 -25.09 15.06
C ARG A 248 -15.47 -25.43 14.45
N ILE A 249 -15.70 -24.99 13.22
CA ILE A 249 -16.96 -25.28 12.55
C ILE A 249 -17.08 -26.78 12.27
N ASP A 250 -16.02 -27.37 11.73
CA ASP A 250 -16.08 -28.77 11.31
C ASP A 250 -15.95 -29.74 12.47
N GLU A 251 -14.91 -29.59 13.30
CA GLU A 251 -14.75 -30.49 14.43
C GLU A 251 -15.85 -30.26 15.48
N GLY A 252 -16.12 -29.00 15.80
CA GLY A 252 -17.13 -28.67 16.80
C GLY A 252 -16.51 -28.49 18.18
N ALA A 260 -14.58 -26.61 22.82
CA ALA A 260 -13.81 -25.56 23.45
C ALA A 260 -12.38 -26.04 23.72
N GLU A 261 -11.58 -26.10 22.66
CA GLU A 261 -10.20 -26.59 22.74
C GLU A 261 -9.24 -25.53 22.27
N LYS A 262 -8.33 -25.11 23.14
CA LYS A 262 -7.29 -24.15 22.82
C LYS A 262 -6.02 -24.81 22.29
N LEU A 263 -6.00 -26.13 22.20
CA LEU A 263 -4.86 -26.88 21.68
C LEU A 263 -4.87 -27.01 20.17
N PHE A 264 -5.78 -26.29 19.49
CA PHE A 264 -5.90 -26.44 18.04
C PHE A 264 -4.63 -26.01 17.32
N ASN A 265 -3.95 -24.98 17.81
CA ASN A 265 -2.81 -24.45 17.09
C ASN A 265 -1.64 -25.42 17.08
N GLN A 266 -1.28 -25.95 18.26
CA GLN A 266 -0.22 -26.96 18.30
C GLN A 266 -0.66 -28.25 17.60
N ASP A 267 -1.95 -28.55 17.62
CA ASP A 267 -2.47 -29.71 16.89
C ASP A 267 -2.28 -29.52 15.39
N VAL A 268 -2.56 -28.31 14.89
CA VAL A 268 -2.36 -28.02 13.47
C VAL A 268 -0.88 -28.15 13.11
N ASP A 269 -0.01 -27.51 13.90
CA ASP A 269 1.42 -27.59 13.62
C ASP A 269 1.91 -29.03 13.61
N ALA A 270 1.47 -29.86 14.57
CA ALA A 270 1.84 -31.26 14.53
C ALA A 270 1.28 -31.95 13.30
N ALA A 271 0.10 -31.53 12.84
CA ALA A 271 -0.51 -32.15 11.68
C ALA A 271 0.29 -31.89 10.40
N VAL A 272 0.75 -30.64 10.20
CA VAL A 272 1.54 -30.37 9.00
C VAL A 272 2.90 -31.05 9.09
N ARG A 273 3.43 -31.23 10.30
CA ARG A 273 4.66 -32.00 10.45
C ARG A 273 4.47 -33.40 9.87
N GLY A 274 3.38 -34.07 10.27
CA GLY A 274 3.13 -35.41 9.77
C GLY A 274 2.84 -35.44 8.29
N ILE A 275 2.13 -34.43 7.78
CA ILE A 275 1.89 -34.35 6.34
C ILE A 275 3.21 -34.23 5.59
N LEU A 276 4.14 -33.44 6.13
CA LEU A 276 5.47 -33.35 5.53
C LEU A 276 6.24 -34.65 5.69
N ARG A 277 5.91 -35.45 6.72
CA ARG A 277 6.56 -36.74 6.88
C ARG A 277 6.12 -37.74 5.81
N ASN A 278 4.82 -37.79 5.51
CA ASN A 278 4.31 -38.77 4.56
C ASN A 278 4.74 -38.43 3.15
N ALA A 279 5.34 -39.42 2.47
CA ALA A 279 5.72 -39.27 1.07
C ALA A 279 4.51 -39.18 0.14
N LYS A 280 3.34 -39.66 0.57
CA LYS A 280 2.13 -39.54 -0.25
C LYS A 280 1.48 -38.18 -0.09
N LEU A 281 1.60 -37.55 1.08
CA LEU A 281 0.92 -36.29 1.35
C LEU A 281 1.82 -35.08 1.12
N LYS A 282 3.13 -35.23 1.25
CA LYS A 282 4.03 -34.10 1.11
C LYS A 282 3.99 -33.44 -0.27
N PRO A 283 4.03 -34.17 -1.39
CA PRO A 283 4.08 -33.47 -2.69
C PRO A 283 2.86 -32.62 -2.98
N VAL A 284 1.66 -33.14 -2.76
CA VAL A 284 0.46 -32.34 -3.03
C VAL A 284 0.38 -31.16 -2.06
N TYR A 285 0.82 -31.36 -0.82
CA TYR A 285 0.77 -30.28 0.17
C TYR A 285 1.65 -29.12 -0.25
N ASP A 286 2.85 -29.42 -0.76
CA ASP A 286 3.73 -28.35 -1.22
C ASP A 286 3.11 -27.58 -2.38
N SER A 287 2.42 -28.29 -3.29
CA SER A 287 1.82 -27.64 -4.44
C SER A 287 0.73 -26.67 -4.04
N LEU A 288 0.02 -26.96 -2.94
CA LEU A 288 -1.15 -26.18 -2.57
C LEU A 288 -0.76 -24.83 -1.98
N ASP A 289 -1.68 -23.88 -2.10
CA ASP A 289 -1.58 -22.61 -1.39
C ASP A 289 -2.00 -22.78 0.06
N ALA A 290 -1.85 -21.70 0.84
CA ALA A 290 -2.10 -21.78 2.27
C ALA A 290 -3.52 -22.23 2.57
N VAL A 291 -4.50 -21.71 1.81
CA VAL A 291 -5.89 -22.04 2.08
C VAL A 291 -6.15 -23.53 1.84
N ARG A 292 -5.74 -24.04 0.67
CA ARG A 292 -5.99 -25.43 0.36
C ARG A 292 -5.17 -26.38 1.23
N ARG A 293 -4.00 -25.95 1.70
CA ARG A 293 -3.27 -26.73 2.68
C ARG A 293 -4.10 -26.93 3.94
N ALA A 294 -4.85 -25.90 4.34
CA ALA A 294 -5.73 -26.01 5.50
C ALA A 294 -6.86 -27.00 5.24
N ALA A 295 -7.35 -27.06 4.00
CA ALA A 295 -8.36 -28.05 3.65
C ALA A 295 -7.79 -29.46 3.71
N LEU A 296 -6.53 -29.62 3.32
CA LEU A 296 -5.87 -30.92 3.45
C LEU A 296 -5.67 -31.27 4.92
N ILE A 297 -5.23 -30.28 5.72
CA ILE A 297 -5.12 -30.48 7.17
C ILE A 297 -6.47 -30.86 7.75
N ASN A 298 -7.54 -30.24 7.26
CA ASN A 298 -8.88 -30.57 7.72
C ASN A 298 -9.18 -32.05 7.55
N MET A 299 -8.87 -32.59 6.36
CA MET A 299 -9.07 -34.01 6.14
C MET A 299 -8.17 -34.86 7.03
N VAL A 300 -6.96 -34.37 7.30
CA VAL A 300 -6.03 -35.12 8.14
C VAL A 300 -6.52 -35.18 9.58
N PHE A 301 -7.14 -34.09 10.05
CA PHE A 301 -7.72 -34.10 11.39
C PHE A 301 -8.82 -35.14 11.52
N GLN A 302 -9.64 -35.27 10.48
CA GLN A 302 -10.82 -36.13 10.56
C GLN A 302 -10.47 -37.60 10.33
N MET A 303 -9.55 -37.88 9.40
CA MET A 303 -9.29 -39.23 8.94
C MET A 303 -7.89 -39.73 9.25
N GLY A 304 -6.97 -38.85 9.64
CA GLY A 304 -5.59 -39.24 9.80
C GLY A 304 -4.84 -39.27 8.47
N GLU A 305 -3.52 -39.38 8.56
CA GLU A 305 -2.70 -39.29 7.36
C GLU A 305 -2.91 -40.50 6.45
N THR A 306 -3.05 -41.69 7.03
CA THR A 306 -3.27 -42.89 6.21
C THR A 306 -4.58 -42.81 5.44
N GLY A 307 -5.64 -42.30 6.09
CA GLY A 307 -6.92 -42.18 5.41
C GLY A 307 -6.89 -41.15 4.30
N VAL A 308 -6.23 -40.02 4.53
CA VAL A 308 -6.15 -38.99 3.51
C VAL A 308 -5.33 -39.47 2.32
N ALA A 309 -4.30 -40.29 2.59
CA ALA A 309 -3.45 -40.80 1.51
C ALA A 309 -4.24 -41.69 0.56
N GLY A 310 -5.32 -42.31 1.03
CA GLY A 310 -6.12 -43.18 0.18
C GLY A 310 -6.73 -42.49 -1.01
N PHE A 311 -6.79 -41.16 -1.01
CA PHE A 311 -7.32 -40.41 -2.13
C PHE A 311 -6.23 -40.13 -3.15
N THR A 312 -5.51 -41.17 -3.54
CA THR A 312 -4.35 -41.01 -4.43
C THR A 312 -4.74 -40.32 -5.72
N ASN A 313 -5.84 -40.76 -6.33
CA ASN A 313 -6.31 -40.13 -7.57
C ASN A 313 -6.67 -38.67 -7.33
N SER A 314 -7.45 -38.40 -6.28
CA SER A 314 -7.86 -37.03 -5.99
C SER A 314 -6.67 -36.16 -5.61
N LEU A 315 -5.72 -36.72 -4.84
CA LEU A 315 -4.54 -35.96 -4.45
C LEU A 315 -3.70 -35.61 -5.67
N ARG A 316 -3.55 -36.55 -6.61
CA ARG A 316 -2.82 -36.26 -7.84
C ARG A 316 -3.46 -35.08 -8.57
N MET A 317 -4.78 -35.13 -8.77
CA MET A 317 -5.46 -34.07 -9.49
C MET A 317 -5.37 -32.73 -8.78
N LEU A 318 -5.30 -32.72 -7.45
CA LEU A 318 -5.04 -31.47 -6.74
C LEU A 318 -3.66 -30.94 -7.07
N GLN A 319 -2.66 -31.83 -7.08
CA GLN A 319 -1.31 -31.42 -7.44
C GLN A 319 -1.26 -30.89 -8.86
N GLN A 320 -2.03 -31.49 -9.77
CA GLN A 320 -2.17 -30.96 -11.13
C GLN A 320 -2.96 -29.66 -11.18
N LYS A 321 -3.44 -29.17 -10.03
CA LYS A 321 -4.24 -27.95 -9.92
C LYS A 321 -5.52 -28.04 -10.75
N ARG A 322 -6.10 -29.23 -10.82
CA ARG A 322 -7.40 -29.45 -11.45
C ARG A 322 -8.44 -29.47 -10.32
N TRP A 323 -8.82 -28.27 -9.88
CA TRP A 323 -9.67 -28.16 -8.70
C TRP A 323 -11.04 -28.77 -8.93
N ASP A 324 -11.68 -28.42 -10.05
CA ASP A 324 -13.03 -28.90 -10.32
C ASP A 324 -13.06 -30.41 -10.50
N GLU A 325 -12.05 -30.98 -11.16
CA GLU A 325 -11.96 -32.44 -11.23
C GLU A 325 -11.67 -33.04 -9.86
N ALA A 326 -10.88 -32.35 -9.05
CA ALA A 326 -10.63 -32.81 -7.69
C ALA A 326 -11.91 -32.74 -6.86
N ALA A 327 -12.73 -31.72 -7.09
CA ALA A 327 -13.97 -31.58 -6.35
C ALA A 327 -14.94 -32.70 -6.71
N VAL A 328 -15.06 -33.02 -7.99
CA VAL A 328 -16.02 -34.06 -8.39
C VAL A 328 -15.59 -35.42 -7.86
N ASN A 329 -14.31 -35.79 -8.04
CA ASN A 329 -13.88 -37.10 -7.59
C ASN A 329 -13.95 -37.22 -6.07
N LEU A 330 -13.69 -36.12 -5.35
CA LEU A 330 -13.87 -36.13 -3.91
C LEU A 330 -15.34 -36.25 -3.53
N ALA A 331 -16.23 -35.65 -4.32
CA ALA A 331 -17.65 -35.65 -3.99
C ALA A 331 -18.25 -37.04 -4.07
N LYS A 332 -17.72 -37.89 -4.95
CA LYS A 332 -18.20 -39.26 -5.10
C LYS A 332 -17.27 -40.16 -4.27
N SER A 333 -17.44 -40.09 -2.95
CA SER A 333 -16.56 -40.82 -2.04
C SER A 333 -17.35 -41.28 -0.83
N ARG A 334 -16.76 -42.23 -0.10
CA ARG A 334 -17.36 -42.70 1.14
C ARG A 334 -17.20 -41.66 2.25
N TRP A 335 -16.12 -40.88 2.21
CA TRP A 335 -15.98 -39.77 3.15
C TRP A 335 -17.07 -38.74 2.95
N TYR A 336 -17.37 -38.42 1.69
CA TYR A 336 -18.49 -37.54 1.39
C TYR A 336 -19.81 -38.15 1.88
N ASN A 337 -19.99 -39.45 1.70
CA ASN A 337 -21.28 -40.07 2.03
C ASN A 337 -21.55 -40.01 3.53
N GLN A 338 -20.54 -40.28 4.36
CA GLN A 338 -20.75 -40.31 5.80
C GLN A 338 -20.82 -38.91 6.40
N THR A 339 -20.04 -37.97 5.87
CA THR A 339 -20.03 -36.58 6.35
C THR A 339 -20.14 -35.63 5.17
N PRO A 340 -21.35 -35.49 4.58
CA PRO A 340 -21.46 -34.61 3.40
C PRO A 340 -21.28 -33.13 3.70
N ASN A 341 -21.85 -32.63 4.80
CA ASN A 341 -21.75 -31.20 5.10
C ASN A 341 -20.29 -30.76 5.20
N ARG A 342 -19.47 -31.52 5.93
CA ARG A 342 -18.07 -31.18 6.06
C ARG A 342 -17.32 -31.43 4.76
N ALA A 343 -17.68 -32.50 4.03
CA ALA A 343 -17.07 -32.75 2.74
C ALA A 343 -17.38 -31.62 1.76
N LYS A 344 -18.64 -31.19 1.73
CA LYS A 344 -19.03 -30.07 0.87
C LYS A 344 -18.17 -28.84 1.14
N ARG A 345 -17.96 -28.50 2.42
CA ARG A 345 -17.18 -27.31 2.74
C ARG A 345 -15.72 -27.49 2.37
N VAL A 346 -15.15 -28.66 2.65
CA VAL A 346 -13.74 -28.89 2.32
C VAL A 346 -13.53 -28.91 0.82
N ILE A 347 -14.38 -29.61 0.07
CA ILE A 347 -14.21 -29.65 -1.38
C ILE A 347 -14.47 -28.28 -1.99
N THR A 348 -15.38 -27.50 -1.40
CA THR A 348 -15.57 -26.13 -1.87
C THR A 348 -14.34 -25.29 -1.57
N THR A 349 -13.72 -25.49 -0.41
CA THR A 349 -12.50 -24.76 -0.07
C THR A 349 -11.38 -25.10 -1.05
N PHE A 350 -11.20 -26.38 -1.36
CA PHE A 350 -10.25 -26.78 -2.38
C PHE A 350 -10.53 -26.07 -3.70
N ARG A 351 -11.74 -26.26 -4.22
CA ARG A 351 -12.11 -25.69 -5.52
C ARG A 351 -11.98 -24.18 -5.52
N THR A 352 -12.46 -23.53 -4.47
CA THR A 352 -12.49 -22.07 -4.47
C THR A 352 -11.10 -21.49 -4.23
N GLY A 353 -10.37 -22.04 -3.27
CA GLY A 353 -9.11 -21.46 -2.84
C GLY A 353 -9.23 -20.34 -1.84
N THR A 354 -10.43 -20.04 -1.36
CA THR A 354 -10.66 -19.02 -0.33
C THR A 354 -11.35 -19.67 0.87
N TRP A 355 -11.68 -18.83 1.86
CA TRP A 355 -12.29 -19.29 3.10
C TRP A 355 -13.79 -19.07 3.14
N ASP A 356 -14.45 -19.00 1.98
CA ASP A 356 -15.87 -18.65 1.94
C ASP A 356 -16.71 -19.61 2.78
N ALA A 357 -16.42 -20.92 2.69
CA ALA A 357 -17.24 -21.90 3.38
C ALA A 357 -17.06 -21.86 4.89
N TYR A 358 -16.01 -21.22 5.40
CA TYR A 358 -15.70 -21.22 6.81
C TYR A 358 -15.60 -19.84 7.44
N LEU A 359 -15.63 -18.76 6.66
CA LEU A 359 -15.37 -17.44 7.18
C LEU A 359 -16.68 -16.82 7.67
N ASN A 360 -16.70 -16.42 8.94
CA ASN A 360 -17.89 -15.78 9.50
C ASN A 360 -17.96 -14.32 9.04
N ASP A 361 -19.02 -13.63 9.45
CA ASP A 361 -19.20 -12.24 9.04
C ASP A 361 -18.11 -11.35 9.64
N HIS A 362 -17.74 -11.62 10.89
CA HIS A 362 -16.68 -10.86 11.54
C HIS A 362 -15.35 -11.00 10.80
N LEU A 363 -15.00 -12.22 10.39
CA LEU A 363 -13.74 -12.42 9.68
C LEU A 363 -13.82 -11.99 8.23
N LYS A 364 -15.00 -12.05 7.61
CA LYS A 364 -15.12 -11.52 6.26
C LYS A 364 -14.99 -10.00 6.26
N GLN A 365 -15.36 -9.35 7.37
CA GLN A 365 -15.17 -7.91 7.50
C GLN A 365 -13.68 -7.56 7.59
N ARG A 366 -12.91 -8.31 8.38
CA ARG A 366 -11.50 -8.00 8.56
C ARG A 366 -10.68 -8.24 7.30
N ARG A 367 -11.08 -9.20 6.46
CA ARG A 367 -10.29 -9.44 5.25
C ARG A 367 -10.54 -8.38 4.19
N GLU A 368 -11.76 -7.83 4.11
CA GLU A 368 -12.01 -6.76 3.16
C GLU A 368 -11.32 -5.48 3.58
N VAL A 369 -11.31 -5.19 4.88
CA VAL A 369 -10.62 -4.00 5.40
C VAL A 369 -9.11 -4.13 5.17
N ALA A 370 -8.54 -5.29 5.51
CA ALA A 370 -7.10 -5.47 5.29
C ALA A 370 -6.77 -5.39 3.80
N LYS A 371 -7.66 -5.92 2.95
CA LYS A 371 -7.46 -5.81 1.51
C LYS A 371 -7.45 -4.36 1.05
N THR A 372 -8.35 -3.55 1.64
CA THR A 372 -8.40 -2.13 1.31
C THR A 372 -7.13 -1.41 1.73
N VAL A 373 -6.67 -1.67 2.97
CA VAL A 373 -5.51 -0.96 3.51
C VAL A 373 -4.28 -1.22 2.66
N PHE A 374 -3.99 -2.49 2.38
CA PHE A 374 -2.78 -2.81 1.64
C PHE A 374 -2.91 -2.61 0.14
N CYS A 375 -4.11 -2.31 -0.34
CA CYS A 375 -4.25 -1.78 -1.69
C CYS A 375 -3.70 -0.36 -1.76
N LEU A 376 -4.04 0.48 -0.78
CA LEU A 376 -3.47 1.82 -0.72
C LEU A 376 -1.96 1.76 -0.53
N VAL A 377 -1.48 0.83 0.30
CA VAL A 377 -0.05 0.67 0.49
C VAL A 377 0.62 0.30 -0.83
N LEU A 378 0.07 -0.70 -1.53
CA LEU A 378 0.61 -1.09 -2.81
C LEU A 378 0.56 0.07 -3.81
N VAL A 379 -0.55 0.80 -3.84
CA VAL A 379 -0.68 1.95 -4.75
C VAL A 379 0.39 2.98 -4.45
N PHE A 380 0.67 3.24 -3.17
CA PHE A 380 1.71 4.18 -2.81
C PHE A 380 3.08 3.71 -3.30
N ALA A 381 3.38 2.43 -3.13
CA ALA A 381 4.69 1.92 -3.52
C ALA A 381 4.93 2.08 -5.01
N LEU A 382 3.95 1.67 -5.83
CA LEU A 382 4.11 1.73 -7.28
C LEU A 382 4.14 3.17 -7.78
N CYS A 383 3.40 4.06 -7.14
CA CYS A 383 3.40 5.46 -7.55
C CYS A 383 4.74 6.13 -7.22
N TRP A 384 5.32 5.82 -6.07
CA TRP A 384 6.54 6.47 -5.65
C TRP A 384 7.80 5.69 -6.04
N LEU A 385 7.64 4.52 -6.65
CA LEU A 385 8.82 3.73 -7.05
C LEU A 385 9.64 4.42 -8.14
N PRO A 386 9.06 4.90 -9.25
CA PRO A 386 9.92 5.46 -10.32
C PRO A 386 10.72 6.67 -9.88
N LEU A 387 10.10 7.60 -9.14
CA LEU A 387 10.81 8.80 -8.72
C LEU A 387 11.96 8.46 -7.78
N HIS A 388 11.69 7.67 -6.75
CA HIS A 388 12.74 7.29 -5.82
C HIS A 388 13.82 6.47 -6.51
N LEU A 389 13.44 5.65 -7.50
CA LEU A 389 14.42 4.95 -8.30
C LEU A 389 15.29 5.93 -9.07
N ALA A 390 14.67 6.93 -9.71
CA ALA A 390 15.41 7.89 -10.50
C ALA A 390 16.39 8.69 -9.64
N ARG A 391 15.92 9.19 -8.49
CA ARG A 391 16.77 9.99 -7.62
C ARG A 391 17.95 9.20 -7.09
N ILE A 392 17.73 7.92 -6.77
CA ILE A 392 18.82 7.11 -6.20
C ILE A 392 19.81 6.71 -7.28
N LEU A 393 19.33 6.45 -8.49
CA LEU A 393 20.23 6.15 -9.60
C LEU A 393 21.10 7.35 -9.94
N LYS A 394 20.50 8.55 -9.99
CA LYS A 394 21.31 9.76 -10.17
C LYS A 394 22.27 9.94 -9.00
N LEU A 395 21.81 9.70 -7.78
CA LEU A 395 22.65 9.89 -6.60
C LEU A 395 23.83 8.93 -6.60
N THR A 396 23.65 7.72 -7.13
CA THR A 396 24.69 6.69 -7.07
C THR A 396 25.53 6.58 -8.33
N LEU A 397 25.00 6.89 -9.51
CA LEU A 397 25.65 6.56 -10.76
C LEU A 397 26.13 7.78 -11.54
N TYR A 398 26.23 8.93 -10.91
CA TYR A 398 26.64 10.13 -11.64
C TYR A 398 28.15 10.27 -11.55
N ASN A 399 28.83 9.72 -12.55
CA ASN A 399 30.30 9.71 -12.59
C ASN A 399 30.88 11.03 -13.07
N GLN A 400 30.08 11.86 -13.75
CA GLN A 400 30.41 13.16 -14.32
C GLN A 400 31.35 13.08 -15.52
N ASN A 401 31.57 11.89 -16.08
CA ASN A 401 32.25 11.80 -17.36
C ASN A 401 31.29 12.20 -18.48
N ASP A 402 31.69 13.16 -19.30
CA ASP A 402 30.84 13.64 -20.39
C ASP A 402 30.30 12.53 -21.28
N PRO A 403 31.10 11.57 -21.77
CA PRO A 403 30.52 10.56 -22.67
C PRO A 403 29.43 9.72 -22.03
N ASN A 404 29.66 9.21 -20.82
CA ASN A 404 28.64 8.42 -20.16
C ASN A 404 27.46 9.28 -19.71
N ARG A 405 27.70 10.56 -19.42
CA ARG A 405 26.69 11.39 -18.79
C ARG A 405 25.49 11.60 -19.70
N CYS A 406 25.74 11.93 -20.98
CA CYS A 406 24.68 12.40 -21.87
C CYS A 406 23.53 11.41 -21.95
N GLU A 407 23.81 10.17 -22.37
CA GLU A 407 22.74 9.20 -22.55
C GLU A 407 22.14 8.77 -21.21
N LEU A 408 22.97 8.63 -20.17
CA LEU A 408 22.45 8.30 -18.85
C LEU A 408 21.58 9.41 -18.31
N LEU A 409 21.95 10.66 -18.59
CA LEU A 409 21.18 11.81 -18.12
C LEU A 409 19.80 11.84 -18.77
N SER A 410 19.75 11.69 -20.09
CA SER A 410 18.47 11.73 -20.80
C SER A 410 17.53 10.66 -20.27
N PHE A 411 18.03 9.45 -20.05
CA PHE A 411 17.21 8.39 -19.48
C PHE A 411 16.76 8.74 -18.07
N LEU A 412 17.70 9.11 -17.20
CA LEU A 412 17.34 9.46 -15.83
C LEU A 412 16.40 10.65 -15.77
N LEU A 413 16.53 11.58 -16.72
CA LEU A 413 15.64 12.74 -16.73
C LEU A 413 14.22 12.32 -17.09
N VAL A 414 14.07 11.49 -18.13
CA VAL A 414 12.76 10.95 -18.47
C VAL A 414 12.17 10.18 -17.30
N LEU A 415 12.99 9.36 -16.65
CA LEU A 415 12.52 8.61 -15.49
C LEU A 415 12.10 9.54 -14.35
N ASP A 416 12.87 10.61 -14.13
CA ASP A 416 12.53 11.56 -13.07
C ASP A 416 11.19 12.24 -13.35
N TYR A 417 10.95 12.62 -14.60
CA TYR A 417 9.69 13.28 -14.95
C TYR A 417 8.51 12.34 -14.79
N ILE A 418 8.62 11.12 -15.33
CA ILE A 418 7.63 10.09 -15.06
C ILE A 418 7.44 9.94 -13.54
N GLY A 419 8.56 9.95 -12.81
CA GLY A 419 8.48 9.76 -11.37
C GLY A 419 7.63 10.81 -10.67
N ILE A 420 7.84 12.08 -11.01
CA ILE A 420 7.07 13.12 -10.32
C ILE A 420 5.63 13.14 -10.79
N ASN A 421 5.37 12.55 -11.97
CA ASN A 421 3.99 12.41 -12.43
C ASN A 421 3.26 11.33 -11.65
N MET A 422 3.90 10.17 -11.45
CA MET A 422 3.30 9.11 -10.66
C MET A 422 3.06 9.57 -9.22
N ALA A 423 4.00 10.32 -8.67
CA ALA A 423 3.82 10.86 -7.32
C ALA A 423 2.63 11.82 -7.26
N SER A 424 2.46 12.68 -8.27
CA SER A 424 1.27 13.52 -8.32
C SER A 424 0.01 12.67 -8.40
N LEU A 425 0.06 11.58 -9.16
CA LEU A 425 -1.10 10.70 -9.29
C LEU A 425 -1.46 10.06 -7.96
N ASN A 426 -0.46 9.76 -7.13
CA ASN A 426 -0.73 9.14 -5.85
C ASN A 426 -1.55 10.06 -4.95
N SER A 427 -1.43 11.37 -5.13
CA SER A 427 -2.21 12.31 -4.34
C SER A 427 -3.69 12.36 -4.75
N CYS A 428 -4.06 11.65 -5.83
CA CYS A 428 -5.46 11.55 -6.25
C CYS A 428 -5.88 10.11 -6.49
N ALA A 429 -5.01 9.15 -6.18
CA ALA A 429 -5.28 7.78 -6.58
C ALA A 429 -6.15 7.03 -5.58
N ASN A 430 -6.06 7.40 -4.30
CA ASN A 430 -6.77 6.64 -3.28
C ASN A 430 -8.29 6.69 -3.41
N PRO A 431 -8.94 7.84 -3.67
CA PRO A 431 -10.39 7.77 -3.92
C PRO A 431 -10.77 6.79 -5.01
N ILE A 432 -10.00 6.74 -6.11
CA ILE A 432 -10.29 5.75 -7.15
C ILE A 432 -9.99 4.34 -6.64
N ALA A 433 -8.86 4.17 -5.96
CA ALA A 433 -8.49 2.86 -5.46
C ALA A 433 -9.52 2.31 -4.48
N LEU A 434 -9.99 3.15 -3.55
CA LEU A 434 -11.00 2.72 -2.60
C LEU A 434 -12.28 2.31 -3.30
N TYR A 435 -12.69 3.07 -4.32
CA TYR A 435 -13.86 2.71 -5.12
C TYR A 435 -13.71 1.33 -5.72
N LEU A 436 -12.54 1.00 -6.25
CA LEU A 436 -12.39 -0.25 -7.00
C LEU A 436 -12.18 -1.45 -6.09
N VAL A 437 -11.55 -1.27 -4.92
CA VAL A 437 -11.14 -2.39 -4.08
C VAL A 437 -12.08 -2.66 -2.91
N SER A 438 -12.96 -1.72 -2.58
CA SER A 438 -13.79 -1.81 -1.37
C SER A 438 -15.25 -1.65 -1.74
N LYS A 439 -16.04 -2.71 -1.51
CA LYS A 439 -17.46 -2.67 -1.82
C LYS A 439 -18.18 -1.60 -0.99
N ARG A 440 -17.75 -1.42 0.26
CA ARG A 440 -18.34 -0.37 1.09
C ARG A 440 -18.02 1.01 0.53
N PHE A 441 -16.76 1.26 0.16
CA PHE A 441 -16.42 2.58 -0.36
C PHE A 441 -17.11 2.84 -1.70
N LYS A 442 -17.15 1.84 -2.57
CA LYS A 442 -17.84 2.00 -3.85
C LYS A 442 -19.30 2.38 -3.65
N ASN A 443 -19.99 1.74 -2.71
CA ASN A 443 -21.39 2.06 -2.49
C ASN A 443 -21.56 3.44 -1.89
N ALA A 444 -20.62 3.83 -1.01
CA ALA A 444 -20.68 5.15 -0.41
C ALA A 444 -20.42 6.24 -1.44
N PHE A 445 -19.50 6.00 -2.37
CA PHE A 445 -19.24 6.96 -3.44
C PHE A 445 -20.46 7.13 -4.32
N LYS A 446 -21.09 6.01 -4.72
CA LYS A 446 -22.26 6.08 -5.59
C LYS A 446 -23.41 6.81 -4.91
N SER A 447 -23.64 6.53 -3.63
CA SER A 447 -24.69 7.23 -2.90
C SER A 447 -24.42 8.72 -2.85
N ALA A 448 -23.15 9.11 -2.69
CA ALA A 448 -22.82 10.52 -2.53
C ALA A 448 -22.84 11.24 -3.87
N LEU A 449 -22.43 10.55 -4.94
CA LEU A 449 -22.25 11.20 -6.23
C LEU A 449 -23.40 10.93 -7.19
N CYS A 450 -23.55 9.67 -7.61
CA CYS A 450 -24.49 9.35 -8.69
C CYS A 450 -25.91 9.79 -8.33
N CYS A 451 -26.41 9.34 -7.18
CA CYS A 451 -27.74 9.74 -6.73
C CYS A 451 -27.73 10.11 -5.25
#